data_3S45
#
_entry.id   3S45
#
_cell.length_a   105.998
_cell.length_b   30.986
_cell.length_c   56.161
_cell.angle_alpha   90.00
_cell.angle_beta   91.66
_cell.angle_gamma   90.00
#
_symmetry.space_group_name_H-M   'C 1 2 1'
#
loop_
_entity.id
_entity.type
_entity.pdbx_description
1 polymer Protease
2 non-polymer 'SODIUM ION'
3 non-polymer 'CHLORIDE ION'
4 non-polymer IMIDAZOLE
5 non-polymer 'ZINC ION'
6 non-polymer '{3-[(4-AMINO-BENZENESULFONYL)-ISOBUTYL-AMINO]-1-BENZYL-2-HYDROXY-PROPYL}-CARBAMIC ACID TETRAHYDRO-FURAN-3-YL ESTER'
7 water water
#
_entity_poly.entity_id   1
_entity_poly.type   'polypeptide(L)'
_entity_poly.pdbx_seq_one_letter_code
;PQFSLWKRPVVTAYIEGQPVEVLLDTGADDSIVAGIELGNNYSPKIVGGIGGFINTKEYKNVEIEVLNKKVRATIMTGDT
PINIFGRNILTALGMSLNL
;
_entity_poly.pdbx_strand_id   A,B
#
# COMPACT_ATOMS: atom_id res chain seq x y z
N PRO A 1 -7.25 -18.36 2.68
CA PRO A 1 -7.48 -17.04 2.08
C PRO A 1 -6.28 -16.64 1.22
N GLN A 2 -6.56 -16.40 -0.05
CA GLN A 2 -5.55 -15.92 -0.99
C GLN A 2 -6.11 -14.80 -1.84
N PHE A 3 -5.42 -13.68 -1.87
CA PHE A 3 -5.84 -12.54 -2.69
C PHE A 3 -4.92 -12.36 -3.89
N SER A 4 -5.44 -12.54 -5.10
CA SER A 4 -4.58 -12.54 -6.27
C SER A 4 -4.28 -11.14 -6.79
N LEU A 5 -4.82 -10.10 -6.16
CA LEU A 5 -4.41 -8.74 -6.54
C LEU A 5 -4.88 -8.26 -7.90
N TRP A 6 -5.66 -9.03 -8.65
CA TRP A 6 -6.25 -8.53 -9.90
C TRP A 6 -7.26 -7.41 -9.61
N LYS A 7 -7.92 -7.47 -8.46
CA LYS A 7 -8.72 -6.37 -7.93
C LYS A 7 -8.15 -5.88 -6.60
N ARG A 8 -8.58 -4.74 -6.06
CA ARG A 8 -8.13 -4.30 -4.75
C ARG A 8 -8.50 -5.33 -3.67
N PRO A 9 -7.55 -5.74 -2.83
CA PRO A 9 -7.91 -6.73 -1.80
C PRO A 9 -8.67 -6.08 -0.66
N VAL A 10 -9.99 -6.03 -0.80
CA VAL A 10 -10.80 -5.26 0.14
C VAL A 10 -11.76 -6.20 0.86
N VAL A 11 -11.80 -6.13 2.19
CA VAL A 11 -12.74 -7.01 2.88
C VAL A 11 -13.51 -6.24 3.94
N THR A 12 -14.51 -6.92 4.52
CA THR A 12 -15.26 -6.35 5.61
C THR A 12 -14.62 -6.66 6.96
N ALA A 13 -14.44 -5.60 7.74
CA ALA A 13 -13.89 -5.78 9.09
C ALA A 13 -14.90 -5.24 10.09
N TYR A 14 -14.78 -5.64 11.35
CA TYR A 14 -15.61 -5.03 12.41
C TYR A 14 -14.68 -4.35 13.40
N ILE A 15 -14.81 -3.05 13.62
CA ILE A 15 -13.90 -2.37 14.55
C ILE A 15 -14.75 -1.86 15.71
N GLU A 16 -14.43 -2.33 16.93
CA GLU A 16 -15.28 -2.07 18.07
C GLU A 16 -16.73 -2.47 17.70
N GLY A 17 -16.87 -3.55 16.95
CA GLY A 17 -18.14 -4.03 16.46
C GLY A 17 -18.74 -3.23 15.34
N GLN A 18 -18.07 -2.20 14.83
CA GLN A 18 -18.71 -1.43 13.75
C GLN A 18 -18.13 -1.84 12.41
N PRO A 19 -18.98 -2.19 11.44
CA PRO A 19 -18.47 -2.73 10.16
C PRO A 19 -17.87 -1.65 9.27
N VAL A 20 -16.67 -1.95 8.75
CA VAL A 20 -16.01 -1.03 7.84
C VAL A 20 -15.34 -1.82 6.73
N GLU A 21 -15.36 -1.30 5.50
CA GLU A 21 -14.64 -2.01 4.43
C GLU A 21 -13.17 -1.58 4.52
N VAL A 22 -12.26 -2.54 4.43
CA VAL A 22 -10.85 -2.16 4.57
C VAL A 22 -9.97 -2.75 3.46
N LEU A 23 -8.95 -1.98 3.10
CA LEU A 23 -7.97 -2.37 2.10
C LEU A 23 -6.78 -3.03 2.78
N LEU A 24 -6.42 -4.23 2.37
CA LEU A 24 -5.29 -4.94 2.97
C LEU A 24 -4.02 -4.47 2.30
N ASP A 25 -3.20 -3.70 3.00
CA ASP A 25 -2.16 -2.94 2.30
C ASP A 25 -0.75 -3.17 2.78
N THR A 26 0.05 -3.89 2.00
CA THR A 26 1.42 -4.20 2.45
C THR A 26 2.32 -2.98 2.43
N GLY A 27 1.91 -1.92 1.76
CA GLY A 27 2.68 -0.69 1.59
C GLY A 27 2.45 0.26 2.76
N ALA A 28 1.59 -0.10 3.72
CA ALA A 28 1.33 0.73 4.89
C ALA A 28 1.94 0.15 6.17
N ASP A 29 2.72 0.88 6.93
CA ASP A 29 3.24 0.29 8.16
C ASP A 29 2.12 0.05 9.18
N ASP A 30 1.18 0.98 9.21
CA ASP A 30 0.15 1.09 10.21
C ASP A 30 -1.24 1.06 9.58
N SER A 31 -2.28 1.15 10.39
CA SER A 31 -3.66 1.09 9.89
C SER A 31 -4.44 2.36 10.17
N ILE A 32 -5.22 2.82 9.21
CA ILE A 32 -5.94 4.08 9.35
CA ILE A 32 -5.96 4.06 9.41
C ILE A 32 -7.36 3.93 8.79
N VAL A 33 -8.36 4.37 9.55
CA VAL A 33 -9.77 4.29 9.21
C VAL A 33 -10.47 5.63 9.50
N ALA A 34 -11.43 5.89 8.64
CA ALA A 34 -12.25 7.09 8.76
C ALA A 34 -13.67 6.68 9.12
N GLY A 35 -14.45 7.68 9.56
CA GLY A 35 -15.86 7.49 9.79
C GLY A 35 -16.22 6.72 11.04
N ILE A 36 -15.23 6.47 11.88
CA ILE A 36 -15.52 5.89 13.19
C ILE A 36 -14.84 6.74 14.26
N GLU A 37 -15.49 6.76 15.42
CA GLU A 37 -14.99 7.52 16.56
C GLU A 37 -14.47 6.56 17.62
N LEU A 38 -13.23 6.72 18.03
CA LEU A 38 -12.72 5.77 19.02
C LEU A 38 -12.49 6.43 20.36
N GLY A 39 -12.85 7.70 20.52
CA GLY A 39 -12.85 8.30 21.84
C GLY A 39 -11.70 9.25 22.11
N ASN A 40 -11.51 9.60 23.39
CA ASN A 40 -10.57 10.63 23.82
C ASN A 40 -9.20 10.13 24.24
N ASN A 41 -8.97 8.83 24.31
CA ASN A 41 -7.65 8.39 24.73
C ASN A 41 -6.85 7.95 23.52
N TYR A 42 -6.09 8.87 22.96
CA TYR A 42 -5.30 8.67 21.75
C TYR A 42 -3.99 9.44 21.89
N SER A 43 -3.12 9.30 20.90
CA SER A 43 -1.94 10.13 20.73
CA SER A 43 -1.92 10.08 20.71
C SER A 43 -1.99 10.70 19.32
N PRO A 44 -1.94 12.02 19.18
CA PRO A 44 -2.00 12.63 17.84
C PRO A 44 -0.70 12.41 17.09
N LYS A 45 -0.82 12.01 15.84
CA LYS A 45 0.28 11.70 14.95
C LYS A 45 0.04 12.30 13.57
N ILE A 46 1.10 12.49 12.79
CA ILE A 46 0.97 12.94 11.42
C ILE A 46 1.48 11.81 10.51
N VAL A 47 0.67 11.44 9.49
CA VAL A 47 1.20 10.51 8.49
C VAL A 47 1.30 11.14 7.11
N GLY A 48 2.26 10.69 6.31
CA GLY A 48 2.40 11.24 4.97
C GLY A 48 2.37 10.16 3.90
N GLY A 49 1.90 10.50 2.72
CA GLY A 49 1.89 9.61 1.58
C GLY A 49 1.80 10.46 0.31
N ILE A 50 1.22 9.84 -0.72
CA ILE A 50 1.06 10.59 -1.96
C ILE A 50 -0.04 11.62 -1.75
N GLY A 51 0.34 12.82 -2.15
CA GLY A 51 -0.61 13.93 -2.15
C GLY A 51 -0.49 14.69 -0.86
N GLY A 52 0.29 14.23 0.11
CA GLY A 52 0.55 15.09 1.26
C GLY A 52 0.48 14.34 2.58
N PHE A 53 0.05 15.03 3.62
CA PHE A 53 0.03 14.55 4.98
C PHE A 53 -1.38 14.67 5.55
N ILE A 54 -1.70 13.85 6.54
CA ILE A 54 -2.90 14.07 7.32
C ILE A 54 -2.64 13.87 8.83
N ASN A 55 -3.47 14.60 9.59
CA ASN A 55 -3.49 14.46 11.05
C ASN A 55 -4.24 13.19 11.41
N THR A 56 -3.66 12.43 12.36
CA THR A 56 -4.38 11.23 12.80
C THR A 56 -4.42 11.18 14.32
N LYS A 57 -5.27 10.32 14.84
CA LYS A 57 -5.42 9.98 16.24
C LYS A 57 -5.05 8.50 16.43
N GLU A 58 -4.04 8.19 17.22
CA GLU A 58 -3.59 6.80 17.38
C GLU A 58 -4.19 6.20 18.65
N TYR A 59 -4.88 5.07 18.49
CA TYR A 59 -5.52 4.31 19.55
C TYR A 59 -4.92 2.93 19.70
N LYS A 60 -4.61 2.48 20.92
CA LYS A 60 -4.03 1.15 21.08
C LYS A 60 -5.08 0.18 21.62
N ASN A 61 -4.84 -1.10 21.43
CA ASN A 61 -5.59 -2.27 21.88
C ASN A 61 -7.05 -2.23 21.49
N VAL A 62 -7.28 -1.96 20.21
CA VAL A 62 -8.63 -1.84 19.66
C VAL A 62 -9.10 -3.20 19.18
N GLU A 63 -10.34 -3.59 19.45
CA GLU A 63 -10.85 -4.89 19.04
C GLU A 63 -11.12 -4.94 17.55
N ILE A 64 -10.47 -5.86 16.85
CA ILE A 64 -10.76 -5.97 15.42
C ILE A 64 -11.08 -7.42 15.07
N GLU A 65 -12.14 -7.58 14.29
CA GLU A 65 -12.45 -8.87 13.69
C GLU A 65 -12.36 -8.77 12.18
N VAL A 66 -11.49 -9.56 11.57
CA VAL A 66 -11.39 -9.54 10.11
C VAL A 66 -10.88 -10.92 9.66
N LEU A 67 -11.36 -11.37 8.49
CA LEU A 67 -10.98 -12.67 7.98
C LEU A 67 -11.18 -13.76 9.02
N ASN A 68 -12.38 -13.78 9.60
CA ASN A 68 -12.69 -14.84 10.56
C ASN A 68 -11.68 -14.94 11.68
N LYS A 69 -11.06 -13.80 12.01
CA LYS A 69 -10.15 -13.84 13.17
C LYS A 69 -10.40 -12.58 13.99
N LYS A 70 -10.20 -12.71 15.30
CA LYS A 70 -10.33 -11.53 16.16
C LYS A 70 -8.94 -11.16 16.70
N VAL A 71 -8.55 -9.91 16.67
CA VAL A 71 -7.27 -9.43 17.19
C VAL A 71 -7.45 -8.07 17.87
N ARG A 72 -6.49 -7.74 18.72
CA ARG A 72 -6.42 -6.39 19.30
C ARG A 72 -5.18 -5.72 18.74
N ALA A 73 -5.35 -4.52 18.20
CA ALA A 73 -4.28 -3.87 17.46
C ALA A 73 -4.44 -2.36 17.49
N THR A 74 -3.36 -1.69 17.07
CA THR A 74 -3.33 -0.23 17.02
C THR A 74 -3.98 0.27 15.74
N ILE A 75 -4.82 1.30 15.93
CA ILE A 75 -5.57 1.89 14.85
C ILE A 75 -5.46 3.40 14.94
N MET A 76 -5.24 4.03 13.81
CA MET A 76 -5.34 5.48 13.75
C MET A 76 -6.67 5.88 13.11
N THR A 77 -7.25 7.00 13.57
CA THR A 77 -8.42 7.51 12.85
C THR A 77 -8.01 8.81 12.19
N GLY A 78 -8.57 9.13 11.07
CA GLY A 78 -8.25 10.36 10.35
C GLY A 78 -9.04 10.41 9.06
N ASP A 79 -8.94 11.54 8.39
CA ASP A 79 -9.67 11.77 7.14
C ASP A 79 -8.95 11.09 5.99
N THR A 80 -8.78 9.78 6.08
CA THR A 80 -8.24 9.05 4.93
C THR A 80 -9.33 8.74 3.92
N PRO A 81 -9.02 8.80 2.62
CA PRO A 81 -10.08 8.53 1.64
C PRO A 81 -10.45 7.06 1.51
N ILE A 82 -9.59 6.21 2.03
CA ILE A 82 -9.88 4.78 2.05
C ILE A 82 -9.36 4.22 3.38
N ASN A 83 -10.07 3.18 3.83
CA ASN A 83 -9.72 2.53 5.07
C ASN A 83 -8.59 1.55 4.83
N ILE A 84 -7.50 1.61 5.57
CA ILE A 84 -6.31 0.80 5.35
C ILE A 84 -5.93 -0.05 6.55
N PHE A 85 -5.79 -1.36 6.30
CA PHE A 85 -5.19 -2.30 7.25
C PHE A 85 -3.77 -2.61 6.74
N GLY A 86 -2.83 -2.02 7.47
CA GLY A 86 -1.41 -2.03 7.20
C GLY A 86 -0.73 -3.19 7.89
N ARG A 87 0.59 -3.24 7.87
CA ARG A 87 1.31 -4.44 8.28
C ARG A 87 1.11 -4.74 9.76
N ASN A 88 0.77 -3.75 10.59
CA ASN A 88 0.60 -4.14 12.00
C ASN A 88 -0.54 -5.15 12.16
N ILE A 89 -1.62 -5.01 11.39
CA ILE A 89 -2.73 -5.96 11.46
C ILE A 89 -2.46 -7.16 10.56
N LEU A 90 -1.85 -6.98 9.38
CA LEU A 90 -1.59 -8.14 8.55
C LEU A 90 -0.69 -9.17 9.23
N THR A 91 0.32 -8.69 9.96
CA THR A 91 1.14 -9.65 10.70
C THR A 91 0.39 -10.30 11.86
N ALA A 92 -0.48 -9.57 12.58
CA ALA A 92 -1.22 -10.17 13.70
C ALA A 92 -2.15 -11.24 13.17
N LEU A 93 -2.49 -11.10 11.88
CA LEU A 93 -3.34 -12.11 11.25
C LEU A 93 -2.51 -13.25 10.68
N GLY A 94 -1.19 -13.09 10.58
CA GLY A 94 -0.35 -14.13 10.01
C GLY A 94 -0.35 -14.13 8.48
N MET A 95 -0.64 -12.99 7.85
CA MET A 95 -0.67 -12.88 6.40
CA MET A 95 -0.65 -12.89 6.40
C MET A 95 0.75 -12.76 5.82
N SER A 96 0.93 -13.21 4.58
CA SER A 96 2.24 -13.06 3.94
C SER A 96 2.03 -12.60 2.49
N LEU A 97 3.06 -12.00 1.94
CA LEU A 97 3.09 -11.61 0.53
C LEU A 97 4.07 -12.55 -0.17
N ASN A 98 3.56 -13.25 -1.19
CA ASN A 98 4.35 -14.34 -1.73
C ASN A 98 4.49 -14.20 -3.25
N LEU A 99 5.63 -14.60 -3.79
CA LEU A 99 5.86 -14.71 -5.22
C LEU A 99 6.24 -16.13 -5.61
N PRO B 1 9.65 -16.22 -3.40
CA PRO B 1 10.02 -15.26 -2.37
C PRO B 1 8.87 -14.96 -1.41
N GLN B 2 9.10 -15.13 -0.11
CA GLN B 2 8.07 -14.76 0.84
C GLN B 2 8.44 -13.49 1.61
N PHE B 3 7.47 -12.59 1.71
CA PHE B 3 7.55 -11.43 2.58
C PHE B 3 6.61 -11.64 3.77
N SER B 4 7.12 -11.70 4.99
CA SER B 4 6.35 -11.98 6.21
C SER B 4 5.71 -10.76 6.86
N LEU B 5 6.08 -9.59 6.37
CA LEU B 5 5.48 -8.28 6.63
C LEU B 5 5.80 -7.74 8.02
N TRP B 6 6.66 -8.47 8.73
CA TRP B 6 7.13 -7.86 9.97
C TRP B 6 8.04 -6.67 9.69
N LYS B 7 8.70 -6.67 8.54
CA LYS B 7 9.44 -5.49 8.06
C LYS B 7 8.82 -5.06 6.74
N ARG B 8 9.06 -3.84 6.29
CA ARG B 8 8.56 -3.43 4.98
C ARG B 8 9.05 -4.35 3.86
N PRO B 9 8.15 -4.72 2.95
CA PRO B 9 8.57 -5.56 1.81
C PRO B 9 9.19 -4.68 0.74
N VAL B 10 10.41 -4.24 1.01
CA VAL B 10 11.22 -3.43 0.13
C VAL B 10 12.31 -4.27 -0.53
N VAL B 11 12.51 -3.98 -1.81
CA VAL B 11 13.53 -4.65 -2.61
C VAL B 11 14.19 -3.63 -3.52
N THR B 12 15.28 -4.00 -4.16
CA THR B 12 15.81 -3.21 -5.27
C THR B 12 15.36 -3.76 -6.60
N ALA B 13 15.28 -2.87 -7.57
CA ALA B 13 14.85 -3.17 -8.93
C ALA B 13 15.61 -2.28 -9.90
N TYR B 14 15.50 -2.64 -11.17
CA TYR B 14 16.01 -1.76 -12.23
C TYR B 14 14.81 -1.38 -13.11
N ILE B 15 14.71 -0.11 -13.42
CA ILE B 15 13.73 0.43 -14.36
C ILE B 15 14.49 1.00 -15.56
N GLU B 16 14.41 0.34 -16.72
CA GLU B 16 15.23 0.67 -17.89
C GLU B 16 16.68 0.89 -17.49
N GLY B 17 17.18 -0.02 -16.66
CA GLY B 17 18.59 0.05 -16.27
C GLY B 17 18.85 0.93 -15.06
N GLN B 18 17.87 1.67 -14.55
CA GLN B 18 18.14 2.61 -13.46
C GLN B 18 17.79 2.02 -12.11
N PRO B 19 18.73 1.98 -11.18
CA PRO B 19 18.45 1.28 -9.92
C PRO B 19 17.56 2.10 -8.99
N VAL B 20 16.61 1.40 -8.36
CA VAL B 20 15.72 2.00 -7.38
C VAL B 20 15.47 1.07 -6.20
N GLU B 21 15.09 1.67 -5.10
CA GLU B 21 14.53 0.96 -3.94
C GLU B 21 13.03 1.01 -4.09
N VAL B 22 12.32 -0.11 -4.05
CA VAL B 22 10.86 -0.05 -4.19
C VAL B 22 10.14 -0.88 -3.12
N LEU B 23 8.94 -0.40 -2.79
CA LEU B 23 8.04 -1.05 -1.84
C LEU B 23 6.96 -1.81 -2.58
N LEU B 24 6.78 -3.08 -2.20
CA LEU B 24 5.75 -3.90 -2.80
C LEU B 24 4.45 -3.60 -2.05
N ASP B 25 3.54 -2.93 -2.71
CA ASP B 25 2.36 -2.28 -2.15
C ASP B 25 1.03 -2.75 -2.68
N THR B 26 0.37 -3.67 -1.98
CA THR B 26 -0.91 -4.19 -2.46
C THR B 26 -2.01 -3.13 -2.42
N GLY B 27 -1.81 -2.06 -1.66
CA GLY B 27 -2.72 -0.94 -1.56
C GLY B 27 -2.63 0.10 -2.66
N ALA B 28 -1.71 -0.10 -3.60
CA ALA B 28 -1.55 0.81 -4.74
C ALA B 28 -2.05 0.13 -6.01
N ASP B 29 -2.86 0.83 -6.78
CA ASP B 29 -3.35 0.26 -8.04
C ASP B 29 -2.25 0.32 -9.11
N ASP B 30 -1.48 1.41 -9.11
CA ASP B 30 -0.47 1.77 -10.07
C ASP B 30 0.93 1.72 -9.44
N SER B 31 1.93 1.89 -10.28
CA SER B 31 3.31 1.87 -9.80
C SER B 31 3.90 3.25 -10.02
N ILE B 32 4.47 3.87 -9.01
CA ILE B 32 4.86 5.26 -9.07
C ILE B 32 6.29 5.33 -8.54
N VAL B 33 7.17 5.96 -9.30
CA VAL B 33 8.55 6.12 -8.95
CA VAL B 33 8.54 6.13 -8.87
C VAL B 33 9.00 7.57 -9.09
N ALA B 34 9.79 8.04 -8.14
CA ALA B 34 10.30 9.41 -8.14
C ALA B 34 11.75 9.44 -8.59
N GLY B 35 12.09 10.56 -9.19
CA GLY B 35 13.42 10.89 -9.56
C GLY B 35 13.98 10.34 -10.84
N ILE B 36 13.53 9.17 -11.29
CA ILE B 36 14.17 8.60 -12.48
C ILE B 36 13.70 9.36 -13.72
N GLU B 37 14.52 9.32 -14.76
CA GLU B 37 14.18 10.04 -15.97
C GLU B 37 13.95 9.05 -17.11
N LEU B 38 12.72 8.95 -17.60
CA LEU B 38 12.37 7.99 -18.64
C LEU B 38 12.17 8.67 -19.99
N GLY B 39 12.28 10.01 -20.00
CA GLY B 39 12.26 10.74 -21.26
C GLY B 39 10.96 11.45 -21.57
N ASN B 40 10.79 11.84 -22.83
CA ASN B 40 9.68 12.69 -23.23
C ASN B 40 8.51 11.92 -23.83
N ASN B 41 8.55 10.59 -23.90
CA ASN B 41 7.40 9.87 -24.48
C ASN B 41 6.43 9.41 -23.41
N TYR B 42 5.60 10.32 -22.90
CA TYR B 42 4.73 9.99 -21.77
C TYR B 42 3.37 10.64 -22.03
N SER B 43 2.37 10.23 -21.29
CA SER B 43 1.08 10.88 -21.21
C SER B 43 0.86 11.36 -19.78
N PRO B 44 0.31 12.54 -19.58
CA PRO B 44 -0.01 12.98 -18.21
C PRO B 44 -1.13 12.12 -17.63
N LYS B 45 -0.99 11.80 -16.35
CA LYS B 45 -2.08 11.14 -15.63
C LYS B 45 -2.24 11.82 -14.26
N ILE B 46 -3.41 11.60 -13.65
CA ILE B 46 -3.69 12.17 -12.35
C ILE B 46 -3.90 11.03 -11.35
N VAL B 47 -3.12 11.04 -10.28
CA VAL B 47 -3.09 9.96 -9.29
C VAL B 47 -3.49 10.43 -7.90
N GLY B 48 -4.35 9.68 -7.22
CA GLY B 48 -4.83 10.07 -5.89
C GLY B 48 -4.24 9.16 -4.82
N GLY B 49 -3.78 9.74 -3.74
CA GLY B 49 -3.16 9.05 -2.62
C GLY B 49 -3.77 9.52 -1.32
N ILE B 50 -3.14 9.21 -0.20
CA ILE B 50 -3.79 9.53 1.07
C ILE B 50 -3.97 11.04 1.28
N GLY B 51 -3.11 11.88 0.73
CA GLY B 51 -3.21 13.33 0.98
C GLY B 51 -3.87 14.10 -0.13
N GLY B 52 -4.23 13.42 -1.24
CA GLY B 52 -4.77 14.23 -2.33
C GLY B 52 -4.20 13.79 -3.66
N PHE B 53 -4.10 14.69 -4.64
CA PHE B 53 -3.79 14.33 -6.02
C PHE B 53 -2.47 14.91 -6.50
N ILE B 54 -1.79 14.11 -7.32
CA ILE B 54 -0.59 14.57 -8.01
C ILE B 54 -0.67 14.31 -9.51
N ASN B 55 0.06 15.12 -10.27
CA ASN B 55 0.23 14.82 -11.70
C ASN B 55 1.35 13.81 -11.83
N THR B 56 1.26 12.86 -12.76
CA THR B 56 2.33 11.91 -13.04
C THR B 56 2.53 11.85 -14.56
N LYS B 57 3.67 11.28 -14.94
CA LYS B 57 4.00 11.04 -16.34
C LYS B 57 3.91 9.53 -16.54
N GLU B 58 3.05 9.09 -17.46
CA GLU B 58 2.87 7.66 -17.63
C GLU B 58 3.67 7.13 -18.81
N TYR B 59 4.49 6.11 -18.55
CA TYR B 59 5.33 5.46 -19.55
C TYR B 59 4.84 4.02 -19.70
N LYS B 60 4.51 3.60 -20.91
CA LYS B 60 4.08 2.22 -21.13
C LYS B 60 5.23 1.35 -21.60
N ASN B 61 5.08 0.06 -21.39
CA ASN B 61 6.03 -0.94 -21.90
C ASN B 61 7.44 -0.70 -21.41
N VAL B 62 7.58 -0.36 -20.12
CA VAL B 62 8.90 -0.12 -19.52
C VAL B 62 9.49 -1.42 -19.05
N GLU B 63 10.78 -1.64 -19.38
CA GLU B 63 11.43 -2.85 -18.88
C GLU B 63 11.75 -2.68 -17.41
N ILE B 64 11.36 -3.65 -16.61
CA ILE B 64 11.78 -3.63 -15.22
C ILE B 64 12.25 -5.04 -14.82
N GLU B 65 13.26 -5.01 -13.97
CA GLU B 65 13.95 -6.15 -13.42
C GLU B 65 13.81 -6.10 -11.91
N VAL B 66 13.13 -7.14 -11.40
CA VAL B 66 12.84 -7.22 -9.97
C VAL B 66 12.63 -8.69 -9.58
N LEU B 67 13.10 -9.09 -8.41
CA LEU B 67 12.93 -10.45 -7.92
C LEU B 67 13.35 -11.51 -8.92
N ASN B 68 14.44 -11.24 -9.63
CA ASN B 68 15.02 -12.15 -10.58
C ASN B 68 14.09 -12.43 -11.76
N LYS B 69 13.13 -11.52 -11.98
CA LYS B 69 12.22 -11.56 -13.12
C LYS B 69 12.42 -10.34 -14.00
N LYS B 70 12.03 -10.46 -15.26
CA LYS B 70 12.05 -9.40 -16.26
CA LYS B 70 12.03 -9.32 -16.17
C LYS B 70 10.64 -9.20 -16.76
N VAL B 71 9.98 -8.07 -16.55
CA VAL B 71 8.67 -7.86 -17.16
C VAL B 71 8.67 -6.50 -17.86
N ARG B 72 7.68 -6.26 -18.71
CA ARG B 72 7.38 -4.97 -19.28
C ARG B 72 6.08 -4.47 -18.65
N ALA B 73 6.08 -3.26 -18.11
CA ALA B 73 4.91 -2.74 -17.41
C ALA B 73 4.82 -1.21 -17.51
N THR B 74 3.65 -0.72 -17.08
CA THR B 74 3.44 0.72 -17.06
C THR B 74 4.03 1.32 -15.80
N ILE B 75 4.84 2.36 -15.95
CA ILE B 75 5.40 3.05 -14.80
C ILE B 75 4.95 4.51 -14.84
N MET B 76 4.57 5.07 -13.71
CA MET B 76 4.29 6.49 -13.61
CA MET B 76 4.26 6.47 -13.53
C MET B 76 5.44 7.16 -12.86
N THR B 77 5.90 8.29 -13.34
CA THR B 77 6.91 8.97 -12.53
C THR B 77 6.24 10.19 -11.92
N GLY B 78 6.57 10.49 -10.68
CA GLY B 78 5.94 11.64 -10.03
C GLY B 78 6.41 11.76 -8.57
N ASP B 79 5.82 12.75 -7.90
CA ASP B 79 6.26 13.03 -6.54
C ASP B 79 5.67 12.08 -5.53
N THR B 80 6.20 10.88 -5.39
CA THR B 80 5.83 10.01 -4.26
C THR B 80 6.97 9.97 -3.25
N PRO B 81 6.71 9.95 -1.95
CA PRO B 81 7.81 9.94 -0.99
C PRO B 81 8.51 8.58 -0.93
N ILE B 82 7.88 7.55 -1.43
CA ILE B 82 8.39 6.17 -1.44
C ILE B 82 8.09 5.58 -2.81
N ASN B 83 9.04 4.95 -3.49
CA ASN B 83 8.75 4.32 -4.79
C ASN B 83 7.91 3.08 -4.57
N ILE B 84 6.85 2.92 -5.36
CA ILE B 84 5.96 1.78 -5.07
C ILE B 84 5.70 0.95 -6.33
N PHE B 85 5.76 -0.36 -6.19
CA PHE B 85 5.30 -1.21 -7.29
C PHE B 85 3.92 -1.69 -6.88
N GLY B 86 2.89 -1.26 -7.59
CA GLY B 86 1.51 -1.57 -7.20
C GLY B 86 0.99 -2.80 -7.94
N ARG B 87 -0.31 -2.97 -7.90
CA ARG B 87 -0.89 -4.24 -8.35
C ARG B 87 -0.64 -4.47 -9.84
N ASN B 88 -0.47 -3.42 -10.64
CA ASN B 88 -0.21 -3.74 -12.05
C ASN B 88 1.08 -4.56 -12.19
N ILE B 89 2.11 -4.25 -11.40
CA ILE B 89 3.35 -5.06 -11.47
C ILE B 89 3.24 -6.29 -10.60
N LEU B 90 2.56 -6.22 -9.44
CA LEU B 90 2.46 -7.44 -8.63
C LEU B 90 1.76 -8.56 -9.39
N THR B 91 0.68 -8.22 -10.09
CA THR B 91 0.01 -9.28 -10.86
C THR B 91 0.87 -9.76 -12.04
N ALA B 92 1.69 -8.88 -12.61
CA ALA B 92 2.60 -9.30 -13.67
C ALA B 92 3.66 -10.25 -13.14
N LEU B 93 4.04 -10.12 -11.87
CA LEU B 93 5.02 -11.03 -11.32
C LEU B 93 4.39 -12.30 -10.77
N GLY B 94 3.06 -12.36 -10.66
CA GLY B 94 2.37 -13.49 -10.11
C GLY B 94 2.31 -13.52 -8.59
N MET B 95 2.32 -12.38 -7.94
CA MET B 95 2.34 -12.35 -6.47
C MET B 95 0.91 -12.42 -5.92
N SER B 96 0.78 -12.87 -4.68
CA SER B 96 -0.49 -12.97 -3.96
C SER B 96 -0.28 -12.68 -2.46
N LEU B 97 -1.33 -12.32 -1.76
CA LEU B 97 -1.49 -12.19 -0.33
C LEU B 97 -2.12 -13.49 0.18
N ASN B 98 -1.53 -14.08 1.21
CA ASN B 98 -2.02 -15.35 1.71
C ASN B 98 -2.14 -15.36 3.23
N LEU B 99 -3.14 -16.07 3.71
CA LEU B 99 -3.45 -16.32 5.10
C LEU B 99 -3.83 -17.79 5.26
#